data_7E29
#
_entry.id   7E29
#
_cell.length_a   153.303
_cell.length_b   153.303
_cell.length_c   42.004
_cell.angle_alpha   90.00
_cell.angle_beta   90.00
_cell.angle_gamma   120.00
#
_symmetry.space_group_name_H-M   'P 63'
#
loop_
_entity.id
_entity.type
_entity.pdbx_description
1 polymer 'Maltose/maltodextrin-binding periplasmic protein,ISWI one complex protein 4'
2 branched alpha-D-glucopyranose-(1-4)-alpha-D-glucopyranose
3 water water
#
_entity_poly.entity_id   1
_entity_poly.type   'polypeptide(L)'
_entity_poly.pdbx_seq_one_letter_code
;MKIEEGKLVIWINGDKGYNGLAEVGKKFEKDTGIKVTVEHPDKLEEKFPQVAATGDGPDIIFWAHDRFGGYAQSGLLAEI
TPDKAFQDKLYPFTWDAVRYNGKLIAYPIAVEALSLIYNKDLLPNPPKTWEEIPALDKELKAKGKSALMFNLQEPYFTWP
LIAADGGYAFKYENGKYDIKDVGVDNAGAKAGLTFLVDLIKNKHMNADTDYSIAEAAFNKGETAMTINGPWAWSNIDTSK
VNYGVTVLPTFKGQPSKPFVGVLSAGINAASPNKELAKEFLENYLLTDEGLEAVNKDKPLGAVALKSYEEELAKDPRIAA
TMENAQKGEIMPNIPQMSAFWYAVRTAVINAASGRQTVDAALAAAQTNAAAEFMSEAIFQPTDIVLAKVKGFSAWPAMII
PNELIPDNILKTKPVSVHKGKSGSDKKANEDIDADMESEARDREQSEEEEDIEDFGESEANPEKFIIYTPVLKFRKNDTL
KSTYCVKFFCDDSYIWVKPMDMKILTSEDCRKWLSGKQRKNKKLIPAYEMAMRGKNGIDIWEFVEYGSYGK
;
_entity_poly.pdbx_strand_id   A
#
loop_
_chem_comp.id
_chem_comp.type
_chem_comp.name
_chem_comp.formula
GLC D-saccharide, alpha linking alpha-D-glucopyranose 'C6 H12 O6'
#
# COMPACT_ATOMS: atom_id res chain seq x y z
N LYS A 2 13.59 -13.45 9.18
CA LYS A 2 13.14 -12.52 10.21
C LYS A 2 11.69 -12.79 10.59
N ILE A 3 10.81 -12.95 9.61
CA ILE A 3 9.47 -13.45 9.86
C ILE A 3 9.59 -14.92 10.24
N GLU A 4 8.90 -15.35 11.30
CA GLU A 4 8.92 -16.75 11.72
C GLU A 4 7.70 -17.12 12.57
N GLU A 5 7.37 -18.41 12.60
CA GLU A 5 6.16 -18.85 13.27
C GLU A 5 6.21 -18.55 14.78
N GLY A 6 5.09 -18.14 15.33
CA GLY A 6 5.01 -17.80 16.75
C GLY A 6 5.22 -16.34 17.07
N LYS A 7 5.62 -15.53 16.08
CA LYS A 7 5.85 -14.09 16.26
C LYS A 7 5.10 -13.26 15.21
N LEU A 8 4.90 -11.97 15.49
CA LEU A 8 4.28 -11.05 14.53
C LEU A 8 5.19 -9.88 14.20
N VAL A 9 5.39 -9.65 12.91
CA VAL A 9 6.10 -8.47 12.43
C VAL A 9 5.09 -7.56 11.70
N ILE A 10 5.03 -6.31 12.13
CA ILE A 10 4.02 -5.36 11.62
C ILE A 10 4.69 -4.14 11.04
N TRP A 11 4.27 -3.76 9.84
CA TRP A 11 4.74 -2.54 9.19
C TRP A 11 3.63 -1.51 9.11
N ILE A 12 4.00 -0.27 9.41
CA ILE A 12 3.08 0.84 9.34
C ILE A 12 3.92 2.08 8.98
N ASN A 13 3.30 3.09 8.38
CA ASN A 13 4.07 4.22 7.88
C ASN A 13 4.59 5.12 9.02
N GLY A 14 5.69 5.83 8.75
CA GLY A 14 6.34 6.65 9.75
C GLY A 14 5.57 7.88 10.23
N ASP A 15 4.49 8.26 9.56
CA ASP A 15 3.67 9.40 10.02
C ASP A 15 2.48 8.93 10.86
N LYS A 16 2.34 7.62 11.01
CA LYS A 16 1.25 7.07 11.81
C LYS A 16 1.66 6.83 13.27
N GLY A 17 0.69 6.52 14.13
CA GLY A 17 1.00 6.33 15.54
C GLY A 17 1.60 4.96 15.84
N TYR A 18 2.80 4.71 15.35
CA TYR A 18 3.39 3.38 15.49
C TYR A 18 3.83 3.04 16.92
N ASN A 19 4.16 4.03 17.73
CA ASN A 19 4.42 3.79 19.16
C ASN A 19 3.13 3.37 19.86
N GLY A 20 2.03 4.03 19.54
CA GLY A 20 0.73 3.59 20.03
C GLY A 20 0.41 2.17 19.61
N LEU A 21 0.61 1.85 18.33
CA LEU A 21 0.37 0.52 17.79
C LEU A 21 1.24 -0.51 18.51
N ALA A 22 2.49 -0.14 18.77
CA ALA A 22 3.42 -1.01 19.48
C ALA A 22 2.97 -1.20 20.94
N GLU A 23 2.25 -0.24 21.50
CA GLU A 23 1.69 -0.46 22.84
C GLU A 23 0.59 -1.52 22.78
N VAL A 24 -0.23 -1.50 21.72
CA VAL A 24 -1.17 -2.61 21.54
C VAL A 24 -0.41 -3.94 21.36
N GLY A 25 0.70 -3.91 20.63
CA GLY A 25 1.55 -5.07 20.47
C GLY A 25 2.07 -5.62 21.81
N LYS A 26 2.42 -4.73 22.72
CA LYS A 26 2.93 -5.16 24.02
C LYS A 26 1.84 -5.81 24.85
N LYS A 27 0.64 -5.24 24.84
CA LYS A 27 -0.52 -5.86 25.51
C LYS A 27 -0.76 -7.27 24.99
N PHE A 28 -0.73 -7.45 23.67
CA PHE A 28 -0.86 -8.77 23.05
C PHE A 28 0.25 -9.72 23.47
N GLU A 29 1.47 -9.22 23.51
CA GLU A 29 2.60 -10.02 23.96
C GLU A 29 2.43 -10.43 25.42
N LYS A 30 2.00 -9.49 26.25
CA LYS A 30 1.77 -9.76 27.67
C LYS A 30 0.74 -10.87 27.89
N ASP A 31 -0.42 -10.77 27.25
CA ASP A 31 -1.48 -11.77 27.43
C ASP A 31 -1.20 -13.13 26.77
N THR A 32 -0.42 -13.16 25.69
CA THR A 32 -0.31 -14.39 24.91
C THR A 32 1.08 -14.94 24.79
N GLY A 33 2.08 -14.13 25.10
CA GLY A 33 3.46 -14.57 24.98
C GLY A 33 4.00 -14.46 23.56
N ILE A 34 3.14 -14.01 22.65
CA ILE A 34 3.53 -13.81 21.26
C ILE A 34 4.23 -12.46 21.06
N LYS A 35 5.50 -12.50 20.68
CA LYS A 35 6.24 -11.26 20.47
C LYS A 35 5.69 -10.47 19.27
N VAL A 36 5.50 -9.18 19.45
CA VAL A 36 5.06 -8.32 18.36
C VAL A 36 6.12 -7.23 18.11
N THR A 37 6.53 -7.09 16.86
CA THR A 37 7.48 -6.08 16.51
C THR A 37 6.85 -5.15 15.47
N VAL A 38 6.71 -3.87 15.83
CA VAL A 38 6.27 -2.88 14.88
C VAL A 38 7.46 -2.15 14.27
N GLU A 39 7.47 -2.06 12.95
CA GLU A 39 8.52 -1.33 12.23
C GLU A 39 7.88 -0.33 11.27
N HIS A 40 8.61 0.74 10.95
CA HIS A 40 8.15 1.72 9.99
C HIS A 40 9.22 2.09 8.95
N PRO A 41 9.62 1.13 8.10
CA PRO A 41 10.72 1.36 7.15
C PRO A 41 10.36 2.37 6.06
N ASP A 42 11.38 3.03 5.52
CA ASP A 42 11.18 3.94 4.40
C ASP A 42 10.59 3.18 3.22
N LYS A 43 9.73 3.85 2.47
CA LYS A 43 9.22 3.29 1.23
C LYS A 43 8.56 1.92 1.39
N LEU A 44 7.90 1.67 2.53
CA LEU A 44 7.40 0.33 2.83
C LEU A 44 6.37 -0.17 1.79
N GLU A 45 5.59 0.74 1.20
CA GLU A 45 4.57 0.34 0.23
C GLU A 45 5.22 -0.12 -1.08
N GLU A 46 6.49 0.24 -1.24
CA GLU A 46 7.27 -0.10 -2.41
C GLU A 46 8.01 -1.40 -2.15
N LYS A 47 8.43 -1.58 -0.90
CA LYS A 47 9.22 -2.74 -0.50
C LYS A 47 8.37 -4.01 -0.36
N PHE A 48 7.17 -3.88 0.20
CA PHE A 48 6.34 -5.05 0.50
C PHE A 48 6.23 -6.05 -0.67
N PRO A 49 5.93 -5.57 -1.89
CA PRO A 49 5.85 -6.54 -2.99
C PRO A 49 7.17 -7.27 -3.30
N GLN A 50 8.33 -6.67 -3.02
CA GLN A 50 9.54 -7.37 -3.38
C GLN A 50 10.00 -8.30 -2.27
N VAL A 51 9.49 -8.13 -1.05
CA VAL A 51 9.97 -8.95 0.05
C VAL A 51 8.91 -9.82 0.71
N ALA A 52 7.67 -9.74 0.24
CA ALA A 52 6.56 -10.48 0.84
C ALA A 52 6.84 -11.98 0.86
N ALA A 53 7.46 -12.47 -0.22
CA ALA A 53 7.77 -13.89 -0.38
C ALA A 53 9.18 -14.24 0.07
N THR A 54 9.85 -13.32 0.74
CA THR A 54 11.20 -13.56 1.25
C THR A 54 11.17 -13.55 2.78
N GLY A 55 12.33 -13.69 3.41
CA GLY A 55 12.37 -13.73 4.86
C GLY A 55 12.26 -12.36 5.51
N ASP A 56 12.20 -11.32 4.67
CA ASP A 56 12.25 -9.95 5.16
C ASP A 56 10.88 -9.28 5.14
N GLY A 57 9.84 -10.06 4.92
CA GLY A 57 8.50 -9.52 4.89
C GLY A 57 7.84 -9.47 6.24
N PRO A 58 6.89 -8.53 6.41
CA PRO A 58 6.06 -8.44 7.61
C PRO A 58 4.92 -9.47 7.56
N ASP A 59 4.36 -9.82 8.70
CA ASP A 59 3.13 -10.61 8.71
C ASP A 59 1.93 -9.73 8.40
N ILE A 60 1.99 -8.49 8.88
CA ILE A 60 0.91 -7.53 8.73
C ILE A 60 1.43 -6.22 8.13
N ILE A 61 0.78 -5.74 7.08
CA ILE A 61 1.13 -4.44 6.49
C ILE A 61 -0.01 -3.42 6.58
N PHE A 62 0.28 -2.25 7.17
CA PHE A 62 -0.68 -1.14 7.23
C PHE A 62 -0.44 -0.12 6.11
N TRP A 63 -1.45 0.12 5.30
CA TRP A 63 -1.39 1.22 4.32
C TRP A 63 -2.81 1.58 3.93
N ALA A 64 -2.95 2.75 3.30
CA ALA A 64 -4.17 3.14 2.66
C ALA A 64 -4.54 2.07 1.63
N HIS A 65 -5.84 1.79 1.53
CA HIS A 65 -6.40 0.70 0.73
C HIS A 65 -6.06 0.77 -0.77
N ASP A 66 -5.67 1.93 -1.27
CA ASP A 66 -5.43 2.08 -2.71
C ASP A 66 -4.28 1.20 -3.23
N ARG A 67 -3.35 0.84 -2.37
CA ARG A 67 -2.29 -0.09 -2.77
C ARG A 67 -2.68 -1.56 -2.72
N PHE A 68 -3.79 -1.87 -2.07
CA PHE A 68 -4.06 -3.27 -1.71
C PHE A 68 -4.62 -4.11 -2.87
N GLY A 69 -5.24 -3.48 -3.86
CA GLY A 69 -5.64 -4.20 -5.05
C GLY A 69 -4.45 -4.75 -5.83
N GLY A 70 -3.42 -3.91 -6.03
CA GLY A 70 -2.19 -4.39 -6.62
C GLY A 70 -1.54 -5.55 -5.87
N TYR A 71 -1.47 -5.45 -4.53
CA TYR A 71 -0.93 -6.52 -3.69
C TYR A 71 -1.70 -7.83 -3.87
N ALA A 72 -3.02 -7.72 -3.87
CA ALA A 72 -3.90 -8.88 -3.96
C ALA A 72 -3.81 -9.57 -5.33
N GLN A 73 -3.70 -8.77 -6.38
CA GLN A 73 -3.58 -9.26 -7.75
C GLN A 73 -2.28 -10.06 -7.91
N SER A 74 -1.28 -9.68 -7.11
CA SER A 74 0.01 -10.35 -7.10
C SER A 74 0.07 -11.50 -6.09
N GLY A 75 -1.07 -11.80 -5.46
CA GLY A 75 -1.16 -12.90 -4.51
C GLY A 75 -0.52 -12.69 -3.14
N LEU A 76 -0.34 -11.44 -2.71
CA LEU A 76 0.44 -11.16 -1.51
C LEU A 76 -0.39 -11.10 -0.24
N LEU A 77 -1.71 -11.01 -0.41
CA LEU A 77 -2.62 -10.79 0.71
C LEU A 77 -3.56 -11.98 0.89
N ALA A 78 -3.67 -12.40 2.14
CA ALA A 78 -4.56 -13.49 2.52
C ALA A 78 -6.00 -12.99 2.59
N GLU A 79 -6.94 -13.85 2.21
CA GLU A 79 -8.34 -13.49 2.32
C GLU A 79 -8.77 -13.40 3.78
N ILE A 80 -9.50 -12.34 4.07
CA ILE A 80 -10.04 -12.06 5.39
C ILE A 80 -11.46 -12.62 5.46
N THR A 81 -11.79 -13.29 6.56
CA THR A 81 -13.05 -14.02 6.66
C THR A 81 -13.83 -13.71 7.96
N PRO A 82 -14.26 -12.46 8.15
CA PRO A 82 -14.97 -12.20 9.41
C PRO A 82 -16.45 -12.56 9.33
N ASP A 83 -17.01 -13.05 10.42
CA ASP A 83 -18.43 -13.41 10.45
C ASP A 83 -19.30 -12.16 10.44
N LYS A 84 -20.61 -12.32 10.25
CA LYS A 84 -21.50 -11.18 10.14
C LYS A 84 -21.41 -10.28 11.37
N ALA A 85 -21.26 -10.89 12.54
CA ALA A 85 -21.19 -10.15 13.80
C ALA A 85 -20.03 -9.15 13.82
N PHE A 86 -18.85 -9.60 13.42
CA PHE A 86 -17.69 -8.71 13.36
C PHE A 86 -17.84 -7.67 12.24
N GLN A 87 -18.33 -8.08 11.08
CA GLN A 87 -18.50 -7.13 9.99
C GLN A 87 -19.40 -5.99 10.42
N ASP A 88 -20.44 -6.32 11.17
CA ASP A 88 -21.38 -5.31 11.66
C ASP A 88 -20.71 -4.27 12.55
N LYS A 89 -19.53 -4.57 13.07
CA LYS A 89 -18.80 -3.65 13.93
C LYS A 89 -18.19 -2.47 13.17
N LEU A 90 -18.00 -2.62 11.86
CA LEU A 90 -17.36 -1.57 11.06
C LEU A 90 -18.32 -1.08 9.96
N TYR A 91 -18.13 0.16 9.51
CA TYR A 91 -18.98 0.72 8.46
C TYR A 91 -18.82 -0.01 7.12
N PRO A 92 -19.94 -0.24 6.43
CA PRO A 92 -20.02 -0.92 5.15
C PRO A 92 -19.06 -0.34 4.11
N PHE A 93 -18.99 0.99 4.01
CA PHE A 93 -18.13 1.60 3.00
C PHE A 93 -16.64 1.39 3.33
N THR A 94 -16.30 1.09 4.58
CA THR A 94 -14.90 0.82 4.84
C THR A 94 -14.57 -0.61 4.39
N TRP A 95 -15.54 -1.51 4.47
CA TRP A 95 -15.33 -2.88 3.96
C TRP A 95 -15.18 -2.87 2.44
N ASP A 96 -15.99 -2.05 1.76
CA ASP A 96 -15.91 -2.01 0.30
C ASP A 96 -14.56 -1.48 -0.18
N ALA A 97 -13.93 -0.62 0.61
CA ALA A 97 -12.60 -0.11 0.27
C ALA A 97 -11.60 -1.25 0.16
N VAL A 98 -11.77 -2.27 1.00
CA VAL A 98 -10.87 -3.41 1.01
C VAL A 98 -11.48 -4.66 0.35
N ARG A 99 -12.56 -4.48 -0.40
CA ARG A 99 -13.10 -5.58 -1.20
C ARG A 99 -12.42 -5.57 -2.58
N TYR A 100 -11.82 -6.70 -2.95
CA TYR A 100 -11.18 -6.81 -4.24
C TYR A 100 -11.57 -8.11 -4.95
N ASN A 101 -12.20 -7.99 -6.12
CA ASN A 101 -12.78 -9.15 -6.83
C ASN A 101 -13.69 -9.98 -5.95
N GLY A 102 -14.57 -9.32 -5.23
CA GLY A 102 -15.53 -10.02 -4.40
C GLY A 102 -14.98 -10.51 -3.08
N LYS A 103 -13.65 -10.47 -2.91
CA LYS A 103 -13.02 -10.90 -1.67
C LYS A 103 -12.56 -9.75 -0.76
N LEU A 104 -12.77 -9.94 0.54
CA LEU A 104 -12.21 -9.05 1.55
C LEU A 104 -10.73 -9.35 1.70
N ILE A 105 -9.92 -8.32 1.55
CA ILE A 105 -8.50 -8.45 1.33
C ILE A 105 -7.70 -7.78 2.47
N ALA A 106 -8.41 -7.17 3.42
CA ALA A 106 -7.79 -6.47 4.56
C ALA A 106 -8.82 -6.04 5.60
N TYR A 107 -8.36 -5.64 6.79
CA TYR A 107 -9.24 -5.03 7.78
C TYR A 107 -9.17 -3.51 7.66
N PRO A 108 -10.30 -2.84 7.44
CA PRO A 108 -10.24 -1.38 7.48
C PRO A 108 -10.02 -0.87 8.91
N ILE A 109 -9.28 0.23 9.04
CA ILE A 109 -8.97 0.81 10.35
C ILE A 109 -9.58 2.20 10.51
N ALA A 110 -9.26 3.10 9.57
CA ALA A 110 -9.65 4.50 9.68
C ALA A 110 -9.76 5.19 8.32
N VAL A 111 -10.60 6.22 8.27
CA VAL A 111 -10.79 6.99 7.05
C VAL A 111 -9.98 8.30 7.11
N GLU A 112 -9.20 8.58 6.07
CA GLU A 112 -8.31 9.74 6.04
C GLU A 112 -8.68 10.68 4.90
N ALA A 113 -8.88 11.95 5.21
CA ALA A 113 -8.96 12.94 4.15
C ALA A 113 -8.06 14.12 4.50
N LEU A 114 -7.52 14.79 3.49
CA LEU A 114 -6.78 16.03 3.71
C LEU A 114 -7.74 17.18 3.98
N SER A 115 -7.34 18.07 4.89
CA SER A 115 -8.12 19.28 5.17
C SER A 115 -7.23 20.49 5.07
N LEU A 116 -7.83 21.68 5.09
CA LEU A 116 -7.08 22.91 5.24
C LEU A 116 -6.88 23.16 6.73
N ILE A 117 -5.62 23.21 7.15
CA ILE A 117 -5.29 23.56 8.53
C ILE A 117 -4.76 24.98 8.55
N TYR A 118 -5.20 25.78 9.50
CA TYR A 118 -4.82 27.18 9.47
C TYR A 118 -4.62 27.77 10.86
N ASN A 119 -3.78 28.79 10.92
CA ASN A 119 -3.45 29.43 12.18
C ASN A 119 -4.47 30.51 12.46
N LYS A 120 -5.30 30.28 13.48
CA LYS A 120 -6.42 31.16 13.83
C LYS A 120 -5.95 32.53 14.31
N ASP A 121 -4.69 32.63 14.74
CA ASP A 121 -4.11 33.90 15.13
C ASP A 121 -3.69 34.72 13.90
N LEU A 122 -2.94 34.12 12.99
CA LEU A 122 -2.53 34.82 11.78
C LEU A 122 -3.67 35.07 10.80
N LEU A 123 -4.78 34.37 10.98
CA LEU A 123 -5.79 34.28 9.94
C LEU A 123 -7.09 33.71 10.49
N PRO A 124 -7.90 34.57 11.12
CA PRO A 124 -9.19 34.08 11.63
C PRO A 124 -10.18 33.77 10.48
N ASN A 125 -9.96 34.35 9.30
CA ASN A 125 -10.84 34.09 8.16
C ASN A 125 -10.10 33.48 6.97
N PRO A 126 -9.93 32.15 6.97
CA PRO A 126 -9.24 31.45 5.89
C PRO A 126 -9.95 31.63 4.57
N PRO A 127 -9.18 31.75 3.48
CA PRO A 127 -9.77 31.89 2.15
C PRO A 127 -10.57 30.66 1.74
N LYS A 128 -11.73 30.87 1.15
CA LYS A 128 -12.55 29.79 0.62
C LYS A 128 -12.09 29.39 -0.78
N THR A 129 -11.17 30.17 -1.36
CA THR A 129 -10.77 29.93 -2.74
C THR A 129 -9.26 29.97 -2.91
N TRP A 130 -8.77 29.10 -3.80
CA TRP A 130 -7.35 29.11 -4.12
C TRP A 130 -6.95 30.45 -4.72
N GLU A 131 -7.89 31.08 -5.43
CA GLU A 131 -7.62 32.33 -6.14
C GLU A 131 -7.19 33.48 -5.22
N GLU A 132 -7.73 33.51 -4.01
CA GLU A 132 -7.41 34.53 -2.98
C GLU A 132 -6.00 34.45 -2.42
N ILE A 133 -5.30 33.35 -2.68
CA ILE A 133 -4.08 33.07 -1.95
C ILE A 133 -2.85 33.88 -2.42
N PRO A 134 -2.69 34.13 -3.74
CA PRO A 134 -1.60 35.04 -4.09
C PRO A 134 -1.65 36.41 -3.38
N ALA A 135 -2.82 37.03 -3.31
CA ALA A 135 -2.93 38.33 -2.67
C ALA A 135 -2.82 38.22 -1.14
N LEU A 136 -3.26 37.10 -0.59
CA LEU A 136 -3.13 36.89 0.84
C LEU A 136 -1.67 36.72 1.25
N ASP A 137 -0.86 36.15 0.36
CA ASP A 137 0.55 35.86 0.65
C ASP A 137 1.37 37.12 0.57
N LYS A 138 1.05 37.98 -0.40
CA LYS A 138 1.61 39.33 -0.50
C LYS A 138 1.50 40.05 0.83
N GLU A 139 0.28 40.08 1.34
CA GLU A 139 -0.01 40.74 2.59
C GLU A 139 0.80 40.12 3.72
N LEU A 140 0.87 38.80 3.76
CA LEU A 140 1.61 38.12 4.82
C LEU A 140 3.12 38.21 4.67
N LYS A 141 3.63 38.25 3.44
CA LYS A 141 5.07 38.41 3.20
C LYS A 141 5.57 39.73 3.81
N ALA A 142 4.71 40.74 3.81
CA ALA A 142 5.06 42.04 4.39
C ALA A 142 5.27 41.93 5.90
N LYS A 143 4.62 40.95 6.53
CA LYS A 143 4.75 40.74 7.98
C LYS A 143 5.73 39.63 8.32
N GLY A 144 6.57 39.25 7.36
CA GLY A 144 7.55 38.20 7.58
C GLY A 144 7.02 36.77 7.58
N LYS A 145 5.84 36.56 6.98
CA LYS A 145 5.22 35.24 6.98
C LYS A 145 4.77 34.81 5.59
N SER A 146 4.22 33.61 5.45
CA SER A 146 3.65 33.23 4.16
C SER A 146 2.24 32.68 4.35
N ALA A 147 1.48 32.63 3.25
CA ALA A 147 0.09 32.24 3.35
C ALA A 147 -0.02 30.75 3.56
N LEU A 148 0.72 29.99 2.78
CA LEU A 148 0.51 28.56 2.69
C LEU A 148 1.78 27.76 2.40
N MET A 149 1.97 26.66 3.14
CA MET A 149 3.00 25.67 2.81
C MET A 149 2.51 24.24 3.01
N PHE A 150 2.74 23.38 2.02
CA PHE A 150 2.40 21.99 2.18
C PHE A 150 3.33 21.14 1.34
N ASN A 151 3.30 19.83 1.56
CA ASN A 151 4.23 18.93 0.89
C ASN A 151 4.01 18.86 -0.63
N LEU A 152 4.92 19.42 -1.41
CA LEU A 152 4.78 19.42 -2.86
C LEU A 152 5.44 18.22 -3.52
N GLN A 153 6.03 17.32 -2.74
CA GLN A 153 6.75 16.17 -3.32
C GLN A 153 5.86 14.94 -3.49
N GLU A 154 4.73 14.90 -2.81
CA GLU A 154 3.80 13.78 -2.94
C GLU A 154 2.48 14.24 -3.58
N PRO A 155 2.07 13.60 -4.68
CA PRO A 155 0.88 14.00 -5.45
C PRO A 155 -0.41 13.92 -4.62
N TYR A 156 -0.43 13.08 -3.58
CA TYR A 156 -1.53 13.05 -2.64
C TYR A 156 -1.97 14.46 -2.21
N PHE A 157 -1.01 15.35 -2.00
CA PHE A 157 -1.31 16.67 -1.43
C PHE A 157 -1.75 17.68 -2.49
N THR A 158 -1.36 17.46 -3.73
CA THR A 158 -1.66 18.42 -4.80
C THR A 158 -2.81 17.92 -5.69
N TRP A 159 -3.09 16.63 -5.62
CA TRP A 159 -4.25 16.06 -6.34
C TRP A 159 -5.60 16.76 -6.08
N PRO A 160 -5.89 17.19 -4.84
CA PRO A 160 -7.20 17.84 -4.66
C PRO A 160 -7.41 19.07 -5.56
N LEU A 161 -6.33 19.81 -5.77
CA LEU A 161 -6.36 21.00 -6.61
C LEU A 161 -6.37 20.59 -8.08
N ILE A 162 -5.63 19.54 -8.40
CA ILE A 162 -5.57 19.08 -9.78
C ILE A 162 -6.93 18.52 -10.22
N ALA A 163 -7.67 17.96 -9.27
CA ALA A 163 -8.93 17.30 -9.61
C ALA A 163 -10.14 18.26 -9.56
N ALA A 164 -9.96 19.41 -8.92
CA ALA A 164 -11.07 20.33 -8.68
C ALA A 164 -11.85 20.70 -9.96
N ASP A 165 -11.14 21.02 -11.04
CA ASP A 165 -11.76 21.49 -12.28
C ASP A 165 -11.99 20.38 -13.30
N GLY A 166 -11.78 19.14 -12.90
CA GLY A 166 -12.07 18.03 -13.78
C GLY A 166 -11.03 16.95 -13.97
N GLY A 167 -9.89 17.07 -13.31
CA GLY A 167 -8.91 15.99 -13.35
C GLY A 167 -9.43 14.76 -12.61
N TYR A 168 -9.13 13.57 -13.11
CA TYR A 168 -9.52 12.37 -12.41
C TYR A 168 -8.52 11.28 -12.71
N ALA A 169 -8.51 10.24 -11.90
CA ALA A 169 -7.62 9.12 -12.14
C ALA A 169 -8.19 8.22 -13.21
N PHE A 170 -9.19 7.42 -12.86
CA PHE A 170 -9.78 6.50 -13.82
C PHE A 170 -11.29 6.74 -13.88
N LYS A 171 -11.84 6.75 -15.09
CA LYS A 171 -13.25 7.01 -15.26
C LYS A 171 -14.07 5.92 -14.58
N TYR A 172 -15.02 6.35 -13.78
CA TYR A 172 -15.88 5.41 -13.08
C TYR A 172 -17.31 5.49 -13.60
N GLU A 173 -17.77 4.40 -14.20
CA GLU A 173 -19.12 4.33 -14.75
C GLU A 173 -19.68 2.93 -14.62
N ASN A 174 -20.96 2.86 -14.22
CA ASN A 174 -21.66 1.59 -14.09
C ASN A 174 -20.99 0.70 -13.07
N GLY A 175 -20.34 1.32 -12.09
CA GLY A 175 -19.68 0.61 -11.02
C GLY A 175 -18.37 -0.06 -11.34
N LYS A 176 -17.71 0.34 -12.43
CA LYS A 176 -16.36 -0.15 -12.66
C LYS A 176 -15.46 0.92 -13.29
N TYR A 177 -14.17 0.84 -12.94
CA TYR A 177 -13.18 1.75 -13.46
C TYR A 177 -12.74 1.35 -14.85
N ASP A 178 -12.76 2.31 -15.77
CA ASP A 178 -12.19 2.12 -17.11
C ASP A 178 -10.70 2.53 -17.10
N ILE A 179 -9.82 1.54 -17.23
CA ILE A 179 -8.39 1.77 -17.04
C ILE A 179 -7.76 2.43 -18.26
N LYS A 180 -8.48 2.48 -19.36
CA LYS A 180 -7.95 3.16 -20.54
C LYS A 180 -8.51 4.58 -20.67
N ASP A 181 -9.33 4.98 -19.71
CA ASP A 181 -9.92 6.32 -19.68
C ASP A 181 -9.35 7.12 -18.50
N VAL A 182 -8.24 7.80 -18.74
CA VAL A 182 -7.49 8.49 -17.70
C VAL A 182 -7.68 9.99 -17.82
N GLY A 183 -7.90 10.65 -16.68
CA GLY A 183 -8.24 12.07 -16.68
C GLY A 183 -7.11 12.93 -16.18
N VAL A 184 -5.89 12.55 -16.54
CA VAL A 184 -4.70 13.17 -15.97
C VAL A 184 -4.21 14.36 -16.79
N ASP A 185 -4.52 14.39 -18.09
CA ASP A 185 -4.13 15.54 -18.89
C ASP A 185 -5.30 16.22 -19.59
N ASN A 186 -6.48 16.20 -18.99
CA ASN A 186 -7.58 16.95 -19.55
C ASN A 186 -7.46 18.42 -19.16
N ALA A 187 -8.35 19.24 -19.67
CA ALA A 187 -8.22 20.68 -19.49
C ALA A 187 -8.33 21.07 -18.01
N GLY A 188 -9.11 20.30 -17.25
CA GLY A 188 -9.26 20.55 -15.82
C GLY A 188 -7.97 20.31 -15.03
N ALA A 189 -7.37 19.14 -15.20
CA ALA A 189 -6.09 18.81 -14.55
C ALA A 189 -5.00 19.83 -14.89
N LYS A 190 -4.90 20.16 -16.18
CA LYS A 190 -3.96 21.19 -16.63
C LYS A 190 -4.21 22.52 -15.92
N ALA A 191 -5.48 22.89 -15.78
CA ALA A 191 -5.83 24.16 -15.15
C ALA A 191 -5.35 24.20 -13.71
N GLY A 192 -5.56 23.11 -12.98
CA GLY A 192 -5.16 23.04 -11.59
C GLY A 192 -3.66 22.97 -11.37
N LEU A 193 -2.97 22.20 -12.20
CA LEU A 193 -1.51 22.12 -12.06
C LEU A 193 -0.87 23.43 -12.52
N THR A 194 -1.44 24.06 -13.54
CA THR A 194 -0.98 25.40 -13.96
C THR A 194 -1.13 26.42 -12.83
N PHE A 195 -2.20 26.32 -12.06
CA PHE A 195 -2.36 27.25 -10.93
C PHE A 195 -1.27 27.04 -9.87
N LEU A 196 -1.03 25.78 -9.53
CA LEU A 196 0.06 25.42 -8.64
C LEU A 196 1.42 25.95 -9.10
N VAL A 197 1.76 25.73 -10.37
CA VAL A 197 3.05 26.15 -10.89
C VAL A 197 3.18 27.69 -10.87
N ASP A 198 2.07 28.38 -11.12
CA ASP A 198 2.06 29.83 -11.04
C ASP A 198 2.28 30.31 -9.62
N LEU A 199 1.73 29.60 -8.64
CA LEU A 199 2.04 29.88 -7.24
C LEU A 199 3.54 29.78 -7.00
N ILE A 200 4.19 28.80 -7.61
CA ILE A 200 5.63 28.67 -7.46
C ILE A 200 6.36 29.83 -8.15
N LYS A 201 6.03 30.03 -9.43
CA LYS A 201 6.69 31.03 -10.26
C LYS A 201 6.66 32.42 -9.63
N ASN A 202 5.53 32.75 -9.00
CA ASN A 202 5.34 34.07 -8.40
C ASN A 202 5.81 34.10 -6.95
N LYS A 203 6.59 33.09 -6.57
CA LYS A 203 7.24 33.03 -5.26
C LYS A 203 6.30 32.97 -4.05
N HIS A 204 5.09 32.42 -4.22
CA HIS A 204 4.19 32.23 -3.07
C HIS A 204 4.39 30.89 -2.36
N MET A 205 5.04 29.96 -3.05
CA MET A 205 5.46 28.67 -2.51
C MET A 205 6.78 28.32 -3.18
N ASN A 206 7.52 27.37 -2.62
CA ASN A 206 8.77 26.90 -3.24
C ASN A 206 8.63 25.45 -3.69
N ALA A 207 9.15 25.15 -4.88
CA ALA A 207 9.01 23.82 -5.49
C ALA A 207 9.57 22.67 -4.66
N ASP A 208 10.51 22.92 -3.77
CA ASP A 208 11.09 21.80 -3.04
C ASP A 208 10.58 21.70 -1.61
N THR A 209 9.53 22.44 -1.27
CA THR A 209 8.89 22.26 0.03
C THR A 209 8.38 20.82 0.17
N ASP A 210 8.74 20.17 1.27
CA ASP A 210 8.37 18.76 1.47
C ASP A 210 7.56 18.61 2.77
N TYR A 211 7.30 17.37 3.20
CA TYR A 211 6.48 17.19 4.40
C TYR A 211 7.06 17.87 5.65
N SER A 212 8.31 17.62 5.99
CA SER A 212 8.80 18.17 7.27
C SER A 212 9.05 19.67 7.20
N ILE A 213 9.44 20.20 6.03
CA ILE A 213 9.57 21.65 5.90
C ILE A 213 8.21 22.32 6.19
N ALA A 214 7.16 21.82 5.54
CA ALA A 214 5.82 22.35 5.70
C ALA A 214 5.35 22.23 7.16
N GLU A 215 5.67 21.09 7.76
CA GLU A 215 5.24 20.84 9.13
C GLU A 215 5.90 21.78 10.13
N ALA A 216 7.23 21.86 10.08
CA ALA A 216 7.98 22.77 10.96
C ALA A 216 7.47 24.20 10.80
N ALA A 217 7.38 24.64 9.55
CA ALA A 217 6.93 26.00 9.24
C ALA A 217 5.58 26.34 9.88
N PHE A 218 4.60 25.45 9.77
CA PHE A 218 3.29 25.77 10.32
C PHE A 218 3.32 25.69 11.84
N ASN A 219 4.12 24.77 12.36
CA ASN A 219 4.08 24.49 13.78
C ASN A 219 4.85 25.56 14.53
N LYS A 220 5.68 26.31 13.81
CA LYS A 220 6.43 27.44 14.36
C LYS A 220 5.80 28.81 14.07
N GLY A 221 4.63 28.81 13.42
CA GLY A 221 3.92 30.05 13.14
C GLY A 221 4.44 30.87 11.98
N GLU A 222 5.25 30.25 11.11
CA GLU A 222 5.83 30.93 9.96
C GLU A 222 4.90 30.99 8.74
N THR A 223 3.87 30.14 8.75
CA THR A 223 2.86 30.12 7.67
C THR A 223 1.44 30.11 8.21
N ALA A 224 0.57 30.86 7.55
CA ALA A 224 -0.83 30.92 7.97
C ALA A 224 -1.59 29.58 7.77
N MET A 225 -1.17 28.77 6.81
CA MET A 225 -1.94 27.58 6.44
C MET A 225 -1.08 26.40 6.03
N THR A 226 -1.53 25.20 6.35
CA THR A 226 -0.98 24.02 5.68
C THR A 226 -2.11 23.10 5.19
N ILE A 227 -1.75 22.10 4.39
CA ILE A 227 -2.70 21.07 3.95
C ILE A 227 -2.17 19.75 4.48
N ASN A 228 -2.96 19.08 5.31
CA ASN A 228 -2.52 17.83 5.89
C ASN A 228 -3.66 17.03 6.45
N GLY A 229 -3.32 15.82 6.91
CA GLY A 229 -4.30 14.89 7.44
C GLY A 229 -4.33 14.88 8.95
N PRO A 230 -5.19 14.04 9.54
CA PRO A 230 -5.42 13.96 10.99
C PRO A 230 -4.16 13.51 11.74
N TRP A 231 -3.33 12.67 11.13
CA TRP A 231 -2.09 12.21 11.75
C TRP A 231 -1.20 13.36 12.21
N ALA A 232 -1.38 14.53 11.61
CA ALA A 232 -0.54 15.70 11.92
C ALA A 232 -1.03 16.57 13.09
N TRP A 233 -2.22 16.32 13.61
CA TRP A 233 -2.79 17.20 14.64
C TRP A 233 -2.05 17.10 15.98
N SER A 234 -1.50 15.92 16.26
CA SER A 234 -0.67 15.70 17.45
C SER A 234 0.46 16.72 17.61
N ASN A 235 1.28 16.86 16.58
CA ASN A 235 2.42 17.76 16.68
C ASN A 235 1.97 19.22 16.73
N ILE A 236 0.82 19.53 16.16
CA ILE A 236 0.33 20.92 16.24
C ILE A 236 -0.19 21.22 17.64
N ASP A 237 -0.78 20.22 18.29
CA ASP A 237 -1.21 20.37 19.70
C ASP A 237 -0.02 20.75 20.59
N THR A 238 1.04 19.97 20.49
CA THR A 238 2.30 20.25 21.16
C THR A 238 2.75 21.70 20.93
N SER A 239 2.68 22.14 19.67
CA SER A 239 3.08 23.49 19.26
C SER A 239 2.37 24.64 19.97
N LYS A 240 1.14 24.38 20.39
CA LYS A 240 0.23 25.41 20.90
C LYS A 240 -0.02 26.54 19.91
N VAL A 241 0.17 26.27 18.63
CA VAL A 241 -0.42 27.15 17.63
C VAL A 241 -1.92 27.02 17.82
N ASN A 242 -2.63 28.14 17.74
CA ASN A 242 -4.08 28.10 17.85
C ASN A 242 -4.65 27.81 16.47
N TYR A 243 -5.08 26.58 16.25
CA TYR A 243 -5.38 26.15 14.88
C TYR A 243 -6.77 25.63 14.68
N GLY A 244 -7.26 25.79 13.46
CA GLY A 244 -8.50 25.18 13.04
C GLY A 244 -8.31 24.25 11.86
N VAL A 245 -9.28 23.40 11.67
CA VAL A 245 -9.27 22.46 10.57
C VAL A 245 -10.55 22.69 9.79
N THR A 246 -10.42 22.85 8.48
CA THR A 246 -11.57 23.31 7.73
C THR A 246 -11.55 22.78 6.32
N VAL A 247 -12.55 23.17 5.55
CA VAL A 247 -12.69 22.71 4.19
C VAL A 247 -11.62 23.35 3.30
N LEU A 248 -11.04 22.54 2.41
CA LEU A 248 -10.10 23.02 1.40
C LEU A 248 -10.72 24.13 0.55
N PRO A 249 -9.88 25.03 0.02
CA PRO A 249 -10.40 26.11 -0.83
C PRO A 249 -10.92 25.58 -2.18
N THR A 250 -11.86 26.31 -2.78
CA THR A 250 -12.35 25.99 -4.11
C THR A 250 -11.40 26.47 -5.19
N PHE A 251 -11.51 25.86 -6.37
CA PHE A 251 -10.73 26.26 -7.53
C PHE A 251 -11.66 26.39 -8.73
N LYS A 252 -11.67 27.58 -9.33
CA LYS A 252 -12.64 27.93 -10.37
C LYS A 252 -14.06 27.62 -9.88
N GLY A 253 -14.30 27.92 -8.61
CA GLY A 253 -15.61 27.78 -8.02
C GLY A 253 -15.98 26.37 -7.62
N GLN A 254 -15.14 25.38 -7.95
CA GLN A 254 -15.43 23.99 -7.63
C GLN A 254 -14.63 23.53 -6.40
N PRO A 255 -15.20 22.65 -5.58
CA PRO A 255 -14.43 22.18 -4.41
C PRO A 255 -13.12 21.48 -4.79
N SER A 256 -12.09 21.64 -3.95
CA SER A 256 -10.94 20.75 -4.07
C SER A 256 -11.41 19.34 -3.72
N LYS A 257 -10.90 18.34 -4.44
CA LYS A 257 -11.40 16.97 -4.33
C LYS A 257 -10.32 15.99 -3.89
N PRO A 258 -10.08 15.90 -2.57
CA PRO A 258 -9.07 14.99 -2.01
C PRO A 258 -9.34 13.53 -2.30
N PHE A 259 -8.29 12.77 -2.63
CA PHE A 259 -8.46 11.33 -2.70
C PHE A 259 -8.55 10.80 -1.27
N VAL A 260 -9.64 10.14 -0.95
CA VAL A 260 -9.89 9.66 0.41
C VAL A 260 -9.31 8.25 0.60
N GLY A 261 -8.57 8.07 1.68
CA GLY A 261 -7.95 6.79 1.97
C GLY A 261 -8.51 6.09 3.19
N VAL A 262 -8.52 4.76 3.14
CA VAL A 262 -8.89 3.93 4.27
C VAL A 262 -7.63 3.18 4.72
N LEU A 263 -7.03 3.63 5.82
CA LEU A 263 -5.91 2.90 6.41
C LEU A 263 -6.40 1.50 6.73
N SER A 264 -5.70 0.49 6.23
CA SER A 264 -6.14 -0.87 6.35
C SER A 264 -4.97 -1.80 6.67
N ALA A 265 -5.26 -2.91 7.32
CA ALA A 265 -4.25 -3.89 7.68
C ALA A 265 -4.46 -5.18 6.89
N GLY A 266 -3.53 -5.46 5.99
CA GLY A 266 -3.56 -6.69 5.23
C GLY A 266 -2.63 -7.73 5.85
N ILE A 267 -2.96 -9.00 5.66
CA ILE A 267 -2.12 -10.09 6.16
C ILE A 267 -1.35 -10.79 5.03
N ASN A 268 -0.04 -10.81 5.16
CA ASN A 268 0.87 -11.44 4.21
C ASN A 268 0.47 -12.89 3.89
N ALA A 269 0.15 -13.15 2.63
CA ALA A 269 -0.28 -14.49 2.22
C ALA A 269 0.80 -15.55 2.48
N ALA A 270 2.04 -15.11 2.56
CA ALA A 270 3.16 -16.03 2.75
C ALA A 270 3.43 -16.33 4.23
N SER A 271 2.71 -15.65 5.11
CA SER A 271 2.94 -15.74 6.55
C SER A 271 2.40 -17.04 7.17
N PRO A 272 3.19 -17.65 8.06
CA PRO A 272 2.72 -18.80 8.85
C PRO A 272 1.96 -18.38 10.10
N ASN A 273 1.62 -17.10 10.23
CA ASN A 273 1.02 -16.57 11.45
C ASN A 273 -0.35 -15.97 11.24
N LYS A 274 -1.06 -16.44 10.22
CA LYS A 274 -2.31 -15.79 9.82
C LYS A 274 -3.33 -15.77 10.95
N GLU A 275 -3.43 -16.88 11.69
CA GLU A 275 -4.39 -16.98 12.78
C GLU A 275 -4.05 -16.03 13.93
N LEU A 276 -2.76 -15.91 14.24
CA LEU A 276 -2.27 -14.93 15.23
C LEU A 276 -2.57 -13.48 14.79
N ALA A 277 -2.29 -13.21 13.52
CA ALA A 277 -2.54 -11.89 12.93
C ALA A 277 -4.02 -11.54 13.04
N LYS A 278 -4.90 -12.49 12.72
CA LYS A 278 -6.34 -12.28 12.88
C LYS A 278 -6.76 -12.05 14.35
N GLU A 279 -6.15 -12.80 15.28
CA GLU A 279 -6.43 -12.60 16.71
C GLU A 279 -6.00 -11.17 17.11
N PHE A 280 -4.82 -10.76 16.69
CA PHE A 280 -4.32 -9.45 17.05
C PHE A 280 -5.21 -8.33 16.48
N LEU A 281 -5.53 -8.43 15.19
CA LEU A 281 -6.31 -7.38 14.53
C LEU A 281 -7.73 -7.30 15.08
N GLU A 282 -8.41 -8.44 15.17
CA GLU A 282 -9.83 -8.43 15.56
C GLU A 282 -10.05 -8.22 17.05
N ASN A 283 -9.22 -8.84 17.89
CA ASN A 283 -9.47 -8.85 19.33
C ASN A 283 -8.68 -7.81 20.12
N TYR A 284 -7.61 -7.29 19.53
CA TYR A 284 -6.80 -6.30 20.24
C TYR A 284 -6.78 -4.93 19.58
N LEU A 285 -6.50 -4.86 18.29
CA LEU A 285 -6.45 -3.55 17.64
C LEU A 285 -7.86 -2.98 17.41
N LEU A 286 -8.74 -3.76 16.79
CA LEU A 286 -10.05 -3.27 16.39
C LEU A 286 -11.05 -3.30 17.54
N THR A 287 -10.66 -2.63 18.63
CA THR A 287 -11.46 -2.45 19.83
C THR A 287 -11.36 -0.98 20.22
N ASP A 288 -12.16 -0.55 21.19
CA ASP A 288 -12.12 0.84 21.60
C ASP A 288 -10.75 1.20 22.16
N GLU A 289 -10.17 0.30 22.95
CA GLU A 289 -8.93 0.61 23.65
C GLU A 289 -7.71 0.45 22.74
N GLY A 290 -7.78 -0.48 21.79
CA GLY A 290 -6.72 -0.66 20.82
C GLY A 290 -6.61 0.59 19.98
N LEU A 291 -7.74 0.99 19.42
CA LEU A 291 -7.80 2.16 18.54
C LEU A 291 -7.47 3.44 19.31
N GLU A 292 -7.83 3.48 20.59
CA GLU A 292 -7.54 4.68 21.35
C GLU A 292 -6.03 4.85 21.55
N ALA A 293 -5.35 3.75 21.83
CA ALA A 293 -3.91 3.79 22.05
C ALA A 293 -3.20 4.29 20.80
N VAL A 294 -3.67 3.86 19.64
CA VAL A 294 -3.06 4.33 18.40
C VAL A 294 -3.41 5.81 18.19
N ASN A 295 -4.67 6.14 18.42
CA ASN A 295 -5.16 7.49 18.15
C ASN A 295 -4.52 8.55 19.05
N LYS A 296 -4.20 8.17 20.28
CA LYS A 296 -3.62 9.14 21.20
C LYS A 296 -2.16 9.40 20.87
N ASP A 297 -1.52 8.48 20.16
CA ASP A 297 -0.19 8.73 19.62
C ASP A 297 -0.34 9.68 18.42
N LYS A 298 -0.95 9.19 17.33
CA LYS A 298 -1.27 10.05 16.19
C LYS A 298 -2.72 9.79 15.76
N PRO A 299 -3.52 10.86 15.63
CA PRO A 299 -4.93 10.71 15.29
C PRO A 299 -5.13 9.93 13.98
N LEU A 300 -6.04 8.97 14.04
CA LEU A 300 -6.34 8.07 12.95
C LEU A 300 -7.23 8.70 11.90
N GLY A 301 -8.00 9.70 12.32
CA GLY A 301 -9.07 10.21 11.50
C GLY A 301 -10.36 9.61 12.03
N ALA A 302 -11.32 9.37 11.13
CA ALA A 302 -12.58 8.73 11.48
C ALA A 302 -12.43 7.24 11.40
N VAL A 303 -12.45 6.57 12.54
CA VAL A 303 -12.18 5.14 12.56
C VAL A 303 -13.33 4.33 11.92
N ALA A 304 -12.99 3.15 11.42
CA ALA A 304 -13.97 2.25 10.82
C ALA A 304 -14.83 1.61 11.89
N LEU A 305 -14.31 1.54 13.13
CA LEU A 305 -15.01 0.89 14.23
C LEU A 305 -16.12 1.79 14.79
N LYS A 306 -17.38 1.38 14.60
CA LYS A 306 -18.53 2.25 14.90
C LYS A 306 -18.57 2.74 16.33
N SER A 307 -18.25 1.85 17.27
CA SER A 307 -18.33 2.20 18.68
C SER A 307 -17.31 3.27 19.07
N TYR A 308 -16.08 3.17 18.59
CA TYR A 308 -15.10 4.18 18.93
C TYR A 308 -15.35 5.46 18.11
N GLU A 309 -15.95 5.32 16.94
CA GLU A 309 -16.18 6.49 16.12
C GLU A 309 -17.29 7.42 16.64
N GLU A 310 -18.25 6.87 17.37
CA GLU A 310 -19.33 7.73 17.84
C GLU A 310 -18.79 8.73 18.87
N GLU A 311 -17.75 8.33 19.61
CA GLU A 311 -16.99 9.26 20.44
C GLU A 311 -16.21 10.31 19.61
N LEU A 312 -15.40 9.85 18.67
CA LEU A 312 -14.55 10.75 17.88
C LEU A 312 -15.32 11.71 16.99
N ALA A 313 -16.57 11.39 16.69
CA ALA A 313 -17.33 12.14 15.70
C ALA A 313 -17.80 13.50 16.20
N LYS A 314 -17.70 13.72 17.51
CA LYS A 314 -18.04 14.99 18.13
C LYS A 314 -16.98 16.06 17.85
N ASP A 315 -15.77 15.61 17.57
CA ASP A 315 -14.65 16.50 17.30
C ASP A 315 -14.85 17.26 15.99
N PRO A 316 -14.87 18.60 16.05
CA PRO A 316 -15.09 19.38 14.82
C PRO A 316 -13.98 19.16 13.77
N ARG A 317 -12.79 18.78 14.22
CA ARG A 317 -11.70 18.45 13.31
C ARG A 317 -12.04 17.20 12.49
N ILE A 318 -12.75 16.27 13.11
CA ILE A 318 -13.22 15.07 12.43
C ILE A 318 -14.30 15.45 11.42
N ALA A 319 -15.23 16.29 11.86
CA ALA A 319 -16.36 16.72 11.02
C ALA A 319 -15.85 17.43 9.76
N ALA A 320 -14.76 18.17 9.91
CA ALA A 320 -14.15 18.89 8.79
C ALA A 320 -13.49 17.90 7.86
N THR A 321 -12.81 16.90 8.43
CA THR A 321 -12.22 15.83 7.64
C THR A 321 -13.28 15.17 6.78
N MET A 322 -14.37 14.77 7.43
CA MET A 322 -15.50 14.12 6.77
C MET A 322 -16.14 14.98 5.68
N GLU A 323 -16.25 16.28 5.92
CA GLU A 323 -16.78 17.19 4.90
C GLU A 323 -15.87 17.21 3.67
N ASN A 324 -14.57 17.39 3.87
CA ASN A 324 -13.60 17.27 2.78
C ASN A 324 -13.65 15.91 2.08
N ALA A 325 -13.83 14.85 2.87
CA ALA A 325 -13.93 13.49 2.34
C ALA A 325 -15.13 13.37 1.39
N GLN A 326 -16.24 14.00 1.74
CA GLN A 326 -17.46 13.89 0.93
C GLN A 326 -17.36 14.67 -0.37
N LYS A 327 -16.50 15.69 -0.39
CA LYS A 327 -16.29 16.46 -1.61
C LYS A 327 -15.25 15.79 -2.52
N GLY A 328 -14.52 14.83 -1.95
CA GLY A 328 -13.50 14.11 -2.69
C GLY A 328 -14.00 12.77 -3.15
N GLU A 329 -13.07 11.89 -3.49
CA GLU A 329 -13.40 10.54 -3.93
C GLU A 329 -12.67 9.53 -3.07
N ILE A 330 -13.35 8.43 -2.78
CA ILE A 330 -12.71 7.27 -2.19
C ILE A 330 -11.72 6.79 -3.25
N MET A 331 -10.50 6.45 -2.87
CA MET A 331 -9.55 6.02 -3.90
C MET A 331 -9.96 4.67 -4.45
N PRO A 332 -9.74 4.46 -5.75
CA PRO A 332 -9.91 3.10 -6.27
C PRO A 332 -8.87 2.19 -5.60
N ASN A 333 -9.13 0.89 -5.54
CA ASN A 333 -8.10 0.00 -5.03
C ASN A 333 -7.49 -0.79 -6.16
N ILE A 334 -7.80 -0.43 -7.40
CA ILE A 334 -7.34 -1.24 -8.54
C ILE A 334 -5.81 -1.25 -8.66
N PRO A 335 -5.26 -2.34 -9.24
CA PRO A 335 -3.80 -2.50 -9.37
C PRO A 335 -3.13 -1.39 -10.17
N GLN A 336 -3.86 -0.73 -11.05
CA GLN A 336 -3.30 0.37 -11.84
C GLN A 336 -2.92 1.59 -10.99
N MET A 337 -3.36 1.63 -9.74
CA MET A 337 -3.18 2.83 -8.91
C MET A 337 -1.72 3.24 -8.67
N SER A 338 -0.80 2.30 -8.43
CA SER A 338 0.58 2.72 -8.21
C SER A 338 1.21 3.33 -9.46
N ALA A 339 0.94 2.76 -10.63
CA ALA A 339 1.40 3.38 -11.87
C ALA A 339 0.84 4.80 -12.00
N PHE A 340 -0.43 4.99 -11.65
CA PHE A 340 -1.02 6.32 -11.68
C PHE A 340 -0.27 7.29 -10.74
N TRP A 341 -0.05 6.86 -9.49
CA TRP A 341 0.59 7.71 -8.49
C TRP A 341 1.99 8.10 -8.91
N TYR A 342 2.79 7.13 -9.34
CA TYR A 342 4.13 7.42 -9.84
C TYR A 342 4.11 8.37 -11.06
N ALA A 343 3.20 8.15 -11.98
CA ALA A 343 3.10 9.03 -13.14
C ALA A 343 2.85 10.46 -12.71
N VAL A 344 1.94 10.65 -11.75
CA VAL A 344 1.53 11.99 -11.36
C VAL A 344 2.56 12.63 -10.46
N ARG A 345 3.22 11.80 -9.64
CA ARG A 345 4.33 12.28 -8.84
C ARG A 345 5.40 12.92 -9.73
N THR A 346 5.76 12.22 -10.80
CA THR A 346 6.80 12.71 -11.71
C THR A 346 6.34 13.99 -12.39
N ALA A 347 5.09 13.99 -12.88
CA ALA A 347 4.51 15.16 -13.53
C ALA A 347 4.54 16.40 -12.65
N VAL A 348 4.08 16.27 -11.40
CA VAL A 348 4.02 17.42 -10.50
C VAL A 348 5.42 17.96 -10.15
N ILE A 349 6.37 17.05 -9.95
CA ILE A 349 7.70 17.51 -9.55
C ILE A 349 8.41 18.19 -10.74
N ASN A 350 8.23 17.64 -11.94
CA ASN A 350 8.82 18.24 -13.13
C ASN A 350 8.20 19.59 -13.48
N ALA A 351 6.88 19.72 -13.36
CA ALA A 351 6.21 20.99 -13.64
C ALA A 351 6.55 22.07 -12.61
N ALA A 352 6.38 21.75 -11.33
CA ALA A 352 6.69 22.69 -10.26
C ALA A 352 8.14 23.19 -10.27
N SER A 353 9.07 22.34 -10.69
CA SER A 353 10.47 22.70 -10.64
C SER A 353 10.91 23.48 -11.88
N GLY A 354 10.08 23.47 -12.91
CA GLY A 354 10.37 24.21 -14.13
C GLY A 354 11.10 23.36 -15.15
N ARG A 355 11.24 22.08 -14.84
CA ARG A 355 12.02 21.18 -15.66
C ARG A 355 11.25 20.71 -16.89
N GLN A 356 9.95 20.94 -16.86
CA GLN A 356 9.05 20.51 -17.92
C GLN A 356 7.81 21.40 -17.85
N THR A 357 7.13 21.60 -18.97
CA THR A 357 5.90 22.40 -18.91
C THR A 357 4.79 21.58 -18.29
N VAL A 358 3.76 22.27 -17.81
CA VAL A 358 2.55 21.58 -17.38
C VAL A 358 1.96 20.68 -18.47
N ASP A 359 1.83 21.18 -19.70
CA ASP A 359 1.24 20.37 -20.77
C ASP A 359 2.05 19.11 -21.09
N ALA A 360 3.37 19.24 -21.21
CA ALA A 360 4.19 18.08 -21.50
C ALA A 360 4.33 17.10 -20.31
N ALA A 361 4.34 17.62 -19.09
CA ALA A 361 4.42 16.77 -17.89
C ALA A 361 3.18 15.89 -17.75
N LEU A 362 2.00 16.51 -17.93
CA LEU A 362 0.74 15.82 -17.79
C LEU A 362 0.46 14.89 -18.97
N ALA A 363 0.91 15.25 -20.16
CA ALA A 363 0.76 14.36 -21.32
C ALA A 363 1.55 13.05 -21.14
N ALA A 364 2.73 13.14 -20.53
CA ALA A 364 3.53 11.93 -20.30
C ALA A 364 2.91 11.11 -19.18
N ALA A 365 2.38 11.78 -18.16
CA ALA A 365 1.71 11.10 -17.05
C ALA A 365 0.47 10.37 -17.55
N GLN A 366 -0.24 10.99 -18.48
CA GLN A 366 -1.40 10.37 -19.10
C GLN A 366 -1.05 9.04 -19.74
N THR A 367 0.01 8.99 -20.56
CA THR A 367 0.38 7.73 -21.19
C THR A 367 0.96 6.73 -20.18
N ASN A 368 1.79 7.20 -19.26
CA ASN A 368 2.33 6.35 -18.19
C ASN A 368 1.28 5.71 -17.29
N ALA A 369 0.25 6.46 -16.92
CA ALA A 369 -0.79 5.97 -16.04
C ALA A 369 -1.60 4.87 -16.73
N ALA A 370 -1.47 4.76 -18.05
CA ALA A 370 -2.20 3.76 -18.82
C ALA A 370 -1.38 2.52 -19.16
N ALA A 371 -0.15 2.45 -18.67
CA ALA A 371 0.69 1.27 -18.88
C ALA A 371 0.01 0.03 -18.32
N GLU A 372 0.20 -1.10 -18.97
CA GLU A 372 -0.41 -2.33 -18.51
C GLU A 372 0.25 -2.78 -17.20
N PHE A 373 -0.58 -3.06 -16.21
CA PHE A 373 -0.11 -3.52 -14.92
C PHE A 373 0.58 -4.88 -15.02
N MET A 374 1.78 -4.97 -14.46
CA MET A 374 2.54 -6.23 -14.41
C MET A 374 2.51 -6.79 -13.00
N SER A 375 1.70 -7.83 -12.79
CA SER A 375 1.64 -8.45 -11.46
C SER A 375 2.90 -9.25 -11.17
N GLU A 376 3.26 -9.32 -9.89
CA GLU A 376 4.30 -10.24 -9.46
C GLU A 376 3.84 -11.68 -9.70
N ALA A 377 4.76 -12.55 -10.09
CA ALA A 377 4.43 -13.96 -10.29
C ALA A 377 4.12 -14.64 -8.95
N ILE A 378 3.23 -15.62 -9.01
CA ILE A 378 2.82 -16.39 -7.85
C ILE A 378 3.25 -17.83 -8.09
N PHE A 379 4.05 -18.39 -7.18
CA PHE A 379 4.47 -19.79 -7.26
C PHE A 379 3.31 -20.71 -7.59
N GLN A 380 3.42 -21.43 -8.70
CA GLN A 380 2.35 -22.34 -9.09
C GLN A 380 2.86 -23.78 -9.13
N PRO A 381 1.94 -24.75 -8.97
CA PRO A 381 2.40 -26.12 -9.20
C PRO A 381 2.96 -26.26 -10.63
N THR A 382 3.96 -27.12 -10.78
CA THR A 382 4.70 -27.44 -12.02
C THR A 382 5.78 -26.40 -12.27
N ASP A 383 5.85 -25.40 -11.39
CA ASP A 383 6.91 -24.39 -11.50
C ASP A 383 8.27 -25.01 -11.17
N ILE A 384 9.30 -24.47 -11.82
CA ILE A 384 10.68 -24.87 -11.64
C ILE A 384 11.38 -23.89 -10.73
N VAL A 385 11.94 -24.40 -9.63
CA VAL A 385 12.53 -23.53 -8.63
C VAL A 385 13.92 -23.97 -8.17
N LEU A 386 14.62 -23.03 -7.55
CA LEU A 386 15.83 -23.27 -6.80
C LEU A 386 15.40 -23.36 -5.34
N ALA A 387 15.46 -24.55 -4.75
CA ALA A 387 14.97 -24.76 -3.38
C ALA A 387 16.08 -25.07 -2.38
N LYS A 388 16.01 -24.42 -1.23
CA LYS A 388 17.02 -24.57 -0.18
C LYS A 388 16.57 -25.55 0.89
N VAL A 389 17.28 -26.66 1.03
CA VAL A 389 17.18 -27.43 2.26
C VAL A 389 18.28 -26.86 3.14
N LYS A 390 17.96 -26.54 4.39
CA LYS A 390 18.92 -25.85 5.24
C LYS A 390 19.27 -26.64 6.50
N GLY A 391 20.22 -27.56 6.37
CA GLY A 391 20.86 -27.86 5.09
C GLY A 391 22.12 -27.06 4.77
N SER A 393 22.05 -25.28 1.21
CA SER A 393 22.52 -25.28 -0.18
C SER A 393 21.35 -25.43 -1.16
N ALA A 394 21.32 -24.59 -2.20
CA ALA A 394 20.18 -24.52 -3.12
C ALA A 394 20.23 -25.54 -4.25
N TRP A 395 19.13 -26.29 -4.39
CA TRP A 395 19.04 -27.38 -5.36
C TRP A 395 17.80 -27.25 -6.26
N PRO A 396 17.97 -27.46 -7.57
CA PRO A 396 16.87 -27.38 -8.55
C PRO A 396 15.75 -28.40 -8.30
N ALA A 397 14.51 -27.95 -8.35
CA ALA A 397 13.37 -28.77 -7.97
C ALA A 397 12.10 -28.33 -8.69
N MET A 398 11.04 -29.13 -8.59
CA MET A 398 9.75 -28.73 -9.15
C MET A 398 8.66 -28.70 -8.07
N ILE A 399 7.84 -27.65 -8.08
CA ILE A 399 6.69 -27.60 -7.19
C ILE A 399 5.62 -28.60 -7.63
N ILE A 400 5.26 -29.48 -6.71
CA ILE A 400 4.29 -30.53 -6.96
C ILE A 400 2.91 -30.10 -6.51
N PRO A 401 1.92 -30.22 -7.39
CA PRO A 401 0.51 -29.98 -7.11
C PRO A 401 -0.07 -30.96 -6.09
N ASN A 402 -0.98 -30.49 -5.25
CA ASN A 402 -1.59 -31.33 -4.21
C ASN A 402 -2.18 -32.62 -4.77
N GLU A 403 -2.65 -32.54 -6.02
CA GLU A 403 -3.27 -33.68 -6.66
C GLU A 403 -2.26 -34.79 -6.88
N LEU A 404 -0.99 -34.43 -7.02
CA LEU A 404 0.03 -35.42 -7.29
C LEU A 404 0.88 -35.78 -6.08
N ILE A 405 0.70 -35.08 -4.96
CA ILE A 405 1.56 -35.34 -3.80
C ILE A 405 1.28 -36.71 -3.20
N PRO A 406 2.31 -37.58 -3.14
CA PRO A 406 2.20 -38.92 -2.56
C PRO A 406 1.67 -38.83 -1.14
N ASP A 407 0.68 -39.66 -0.82
CA ASP A 407 -0.06 -39.48 0.43
C ASP A 407 0.83 -39.51 1.67
N ASN A 408 1.93 -40.26 1.62
CA ASN A 408 2.85 -40.34 2.75
C ASN A 408 3.54 -39.00 2.96
N ILE A 409 3.85 -38.33 1.86
CA ILE A 409 4.49 -37.02 1.91
C ILE A 409 3.53 -35.95 2.42
N LEU A 410 2.25 -36.09 2.08
CA LEU A 410 1.20 -35.21 2.61
C LEU A 410 1.21 -35.19 4.13
N LYS A 411 1.46 -36.36 4.70
CA LYS A 411 1.35 -36.51 6.14
C LYS A 411 2.44 -35.75 6.87
N THR A 412 3.49 -35.38 6.14
CA THR A 412 4.60 -34.64 6.75
C THR A 412 4.51 -33.14 6.52
N LYS A 413 3.37 -32.69 5.99
CA LYS A 413 3.16 -31.26 5.74
C LYS A 413 3.17 -30.47 7.06
N PRO A 414 3.91 -29.34 7.09
CA PRO A 414 4.04 -28.49 8.28
C PRO A 414 2.71 -28.17 8.98
N VAL A 415 2.78 -28.12 10.32
CA VAL A 415 1.69 -27.68 11.21
C VAL A 415 0.60 -26.80 10.62
N PHE A 465 -7.43 -23.21 -12.87
CA PHE A 465 -6.76 -24.50 -13.05
C PHE A 465 -5.68 -24.47 -14.12
N ILE A 466 -4.52 -25.02 -13.78
CA ILE A 466 -3.55 -25.43 -14.79
C ILE A 466 -4.01 -26.77 -15.37
N ILE A 467 -4.38 -26.78 -16.65
CA ILE A 467 -4.75 -28.02 -17.32
C ILE A 467 -3.50 -28.68 -17.89
N TYR A 468 -3.17 -29.85 -17.35
CA TYR A 468 -2.01 -30.59 -17.80
C TYR A 468 -2.41 -31.58 -18.89
N THR A 469 -3.66 -31.98 -18.82
CA THR A 469 -4.20 -33.11 -19.57
C THR A 469 -5.72 -32.99 -19.46
N PRO A 470 -6.46 -33.37 -20.53
CA PRO A 470 -7.92 -33.20 -20.54
C PRO A 470 -8.63 -33.62 -19.26
N VAL A 471 -8.22 -34.74 -18.65
CA VAL A 471 -8.83 -35.19 -17.42
C VAL A 471 -8.05 -34.70 -16.20
N LEU A 472 -6.77 -34.40 -16.39
CA LEU A 472 -5.89 -34.09 -15.28
C LEU A 472 -5.64 -32.60 -15.11
N LYS A 473 -6.33 -31.98 -14.16
CA LYS A 473 -6.18 -30.55 -13.88
C LYS A 473 -5.67 -30.25 -12.45
N PHE A 474 -4.82 -29.24 -12.34
CA PHE A 474 -4.24 -28.82 -11.06
C PHE A 474 -4.82 -27.49 -10.63
N ARG A 475 -5.47 -27.47 -9.46
CA ARG A 475 -5.95 -26.23 -8.86
C ARG A 475 -4.79 -25.24 -8.67
N LYS A 476 -4.92 -24.04 -9.24
CA LYS A 476 -3.88 -23.04 -9.16
C LYS A 476 -3.74 -22.47 -7.75
N ASN A 477 -2.58 -21.87 -7.46
CA ASN A 477 -2.43 -21.08 -6.24
C ASN A 477 -2.91 -19.65 -6.47
N ASP A 478 -3.98 -19.26 -5.79
CA ASP A 478 -4.54 -17.91 -5.87
C ASP A 478 -3.63 -16.87 -5.21
N THR A 479 -2.93 -17.29 -4.15
CA THR A 479 -2.02 -16.42 -3.41
C THR A 479 -0.73 -17.16 -3.15
N LEU A 480 0.21 -16.50 -2.49
CA LEU A 480 1.36 -17.17 -1.90
C LEU A 480 0.88 -18.10 -0.81
N LYS A 481 1.70 -19.10 -0.50
CA LYS A 481 1.40 -20.09 0.53
C LYS A 481 2.52 -20.12 1.56
N SER A 482 2.24 -20.57 2.79
CA SER A 482 3.29 -20.63 3.79
C SER A 482 4.22 -21.84 3.55
N THR A 483 3.72 -22.85 2.85
CA THR A 483 4.55 -23.99 2.56
C THR A 483 4.22 -24.61 1.21
N TYR A 484 5.23 -25.22 0.60
CA TYR A 484 5.10 -25.86 -0.72
C TYR A 484 5.77 -27.20 -0.70
N CYS A 485 5.22 -28.14 -1.44
CA CYS A 485 5.88 -29.42 -1.63
C CYS A 485 6.67 -29.44 -2.93
N VAL A 486 8.00 -29.49 -2.82
CA VAL A 486 8.82 -29.61 -4.01
C VAL A 486 9.48 -30.98 -4.10
N LYS A 487 9.96 -31.31 -5.30
CA LYS A 487 10.69 -32.54 -5.54
C LYS A 487 11.96 -32.23 -6.33
N PHE A 488 13.10 -32.62 -5.78
CA PHE A 488 14.39 -32.27 -6.37
C PHE A 488 14.71 -33.07 -7.63
N PHE A 489 15.41 -32.44 -8.58
CA PHE A 489 15.79 -33.10 -9.84
C PHE A 489 17.05 -33.94 -9.65
N CYS A 490 17.06 -35.09 -10.33
CA CYS A 490 18.22 -35.98 -10.28
C CYS A 490 18.55 -36.27 -8.83
N ASP A 491 17.52 -36.59 -8.05
CA ASP A 491 17.64 -36.81 -6.61
C ASP A 491 16.37 -37.49 -6.11
N ASP A 492 15.23 -36.95 -6.52
CA ASP A 492 13.93 -37.60 -6.39
C ASP A 492 13.38 -37.59 -4.97
N SER A 493 13.99 -36.80 -4.09
CA SER A 493 13.45 -36.65 -2.75
C SER A 493 12.45 -35.50 -2.69
N TYR A 494 11.50 -35.59 -1.76
CA TYR A 494 10.49 -34.56 -1.51
C TYR A 494 10.82 -33.77 -0.26
N ILE A 495 10.48 -32.48 -0.25
CA ILE A 495 10.59 -31.67 0.94
C ILE A 495 9.48 -30.64 0.99
N TRP A 496 9.15 -30.18 2.20
CA TRP A 496 8.25 -29.05 2.37
C TRP A 496 9.07 -27.78 2.59
N VAL A 497 8.85 -26.76 1.76
CA VAL A 497 9.57 -25.51 1.89
C VAL A 497 8.68 -24.30 2.05
N LYS A 498 9.19 -23.33 2.80
CA LYS A 498 8.65 -21.99 2.86
C LYS A 498 9.04 -21.22 1.59
N PRO A 499 8.22 -20.22 1.20
CA PRO A 499 8.49 -19.45 -0.01
C PRO A 499 9.82 -18.71 0.07
N MET A 500 10.23 -18.30 1.26
CA MET A 500 11.49 -17.57 1.41
C MET A 500 12.69 -18.41 1.01
N ASP A 501 12.51 -19.74 0.94
CA ASP A 501 13.58 -20.65 0.57
C ASP A 501 13.44 -21.19 -0.84
N MET A 502 12.61 -20.54 -1.65
CA MET A 502 12.45 -20.87 -3.07
C MET A 502 12.70 -19.65 -3.93
N LYS A 503 13.30 -19.88 -5.09
CA LYS A 503 13.41 -18.84 -6.10
C LYS A 503 13.11 -19.49 -7.42
N ILE A 504 12.27 -18.82 -8.22
CA ILE A 504 11.96 -19.26 -9.57
C ILE A 504 13.29 -19.45 -10.32
N LEU A 505 13.37 -20.54 -11.08
CA LEU A 505 14.57 -20.87 -11.85
C LEU A 505 14.24 -20.96 -13.34
N THR A 506 14.73 -19.99 -14.11
CA THR A 506 14.48 -19.96 -15.55
C THR A 506 15.56 -20.73 -16.29
N SER A 507 15.41 -20.89 -17.60
CA SER A 507 16.41 -21.60 -18.37
C SER A 507 17.67 -20.75 -18.59
N GLU A 508 17.48 -19.44 -18.62
CA GLU A 508 18.61 -18.54 -18.78
C GLU A 508 19.43 -18.54 -17.50
N ASP A 509 18.73 -18.76 -16.38
CA ASP A 509 19.38 -18.91 -15.09
C ASP A 509 20.29 -20.13 -15.11
N CYS A 510 19.76 -21.22 -15.65
CA CYS A 510 20.49 -22.46 -15.73
C CYS A 510 21.75 -22.31 -16.60
N ARG A 511 21.60 -21.71 -17.79
CA ARG A 511 22.74 -21.54 -18.67
C ARG A 511 23.83 -20.68 -18.02
N LYS A 512 23.44 -19.53 -17.49
CA LYS A 512 24.40 -18.64 -16.85
C LYS A 512 25.21 -19.38 -15.78
N TRP A 513 24.51 -20.24 -15.04
CA TRP A 513 25.15 -21.11 -14.05
C TRP A 513 26.03 -22.16 -14.74
N LEU A 514 25.52 -22.76 -15.82
CA LEU A 514 26.25 -23.79 -16.57
C LEU A 514 27.32 -23.23 -17.53
N SER A 515 27.53 -21.92 -17.50
CA SER A 515 28.50 -21.28 -18.39
C SER A 515 29.69 -20.69 -17.62
N GLY A 516 29.50 -20.44 -16.32
CA GLY A 516 30.50 -19.74 -15.53
C GLY A 516 31.30 -20.58 -14.55
N LYS A 517 31.87 -19.92 -13.53
CA LYS A 517 32.72 -20.58 -12.54
C LYS A 517 31.92 -21.49 -11.60
N GLN A 518 30.60 -21.41 -11.68
CA GLN A 518 29.72 -22.21 -10.84
C GLN A 518 29.62 -23.67 -11.31
N ARG A 519 30.05 -23.93 -12.54
CA ARG A 519 30.00 -25.29 -13.10
C ARG A 519 31.14 -26.16 -12.53
N LYS A 520 32.10 -25.52 -11.88
CA LYS A 520 33.17 -26.25 -11.18
C LYS A 520 32.63 -27.08 -10.02
N ASN A 521 31.39 -26.79 -9.60
CA ASN A 521 30.68 -27.63 -8.63
C ASN A 521 29.93 -28.74 -9.36
N LYS A 522 30.55 -29.91 -9.46
CA LYS A 522 30.14 -30.96 -10.39
C LYS A 522 28.81 -31.63 -10.05
N LYS A 523 28.50 -31.74 -8.77
CA LYS A 523 27.36 -32.55 -8.34
C LYS A 523 26.02 -31.97 -8.82
N LEU A 524 26.02 -30.67 -9.09
CA LEU A 524 24.78 -29.96 -9.44
C LEU A 524 24.56 -29.83 -10.94
N ILE A 525 25.47 -30.36 -11.76
CA ILE A 525 25.34 -30.26 -13.20
C ILE A 525 24.11 -31.00 -13.77
N PRO A 526 23.88 -32.27 -13.39
CA PRO A 526 22.71 -32.93 -13.98
C PRO A 526 21.40 -32.29 -13.53
N ALA A 527 21.41 -31.75 -12.32
CA ALA A 527 20.22 -31.10 -11.77
C ALA A 527 19.87 -29.87 -12.60
N TYR A 528 20.83 -28.98 -12.78
CA TYR A 528 20.61 -27.76 -13.54
C TYR A 528 20.26 -28.05 -14.99
N GLU A 529 20.83 -29.13 -15.54
CA GLU A 529 20.61 -29.43 -16.95
C GLU A 529 19.30 -30.16 -17.19
N MET A 530 18.70 -30.73 -16.15
CA MET A 530 17.34 -31.23 -16.28
C MET A 530 16.36 -30.05 -16.24
N ALA A 531 16.70 -29.03 -15.46
CA ALA A 531 15.81 -27.91 -15.24
C ALA A 531 15.96 -26.82 -16.30
N MET A 532 17.06 -26.84 -17.04
CA MET A 532 17.24 -25.90 -18.15
C MET A 532 16.19 -26.16 -19.24
N ARG A 533 15.61 -27.36 -19.22
CA ARG A 533 14.56 -27.76 -20.16
C ARG A 533 13.24 -26.97 -20.06
N GLY A 534 12.99 -26.36 -18.91
CA GLY A 534 11.70 -25.72 -18.67
C GLY A 534 10.63 -26.76 -18.38
N LYS A 535 9.50 -26.33 -17.81
CA LYS A 535 8.49 -27.28 -17.36
C LYS A 535 7.76 -28.03 -18.47
N ASN A 536 7.74 -27.43 -19.67
CA ASN A 536 7.20 -28.15 -20.82
C ASN A 536 7.97 -29.44 -21.07
N GLY A 537 9.30 -29.35 -21.05
CA GLY A 537 10.16 -30.48 -21.31
C GLY A 537 10.23 -31.55 -20.23
N ILE A 538 9.23 -31.58 -19.35
CA ILE A 538 9.20 -32.55 -18.25
C ILE A 538 7.78 -33.03 -17.96
N ASP A 539 7.52 -34.31 -18.19
CA ASP A 539 6.21 -34.85 -17.86
C ASP A 539 6.12 -35.02 -16.35
N ILE A 540 5.53 -34.03 -15.69
CA ILE A 540 5.48 -34.03 -14.22
C ILE A 540 4.79 -35.26 -13.63
N TRP A 541 3.90 -35.89 -14.39
CA TRP A 541 3.27 -37.10 -13.89
C TRP A 541 4.31 -38.23 -13.86
N GLU A 542 5.16 -38.26 -14.89
CA GLU A 542 6.25 -39.22 -14.96
C GLU A 542 7.22 -38.96 -13.81
N PHE A 543 7.63 -37.69 -13.70
CA PHE A 543 8.62 -37.27 -12.72
C PHE A 543 8.24 -37.61 -11.29
N VAL A 544 6.95 -37.53 -10.97
CA VAL A 544 6.49 -37.92 -9.64
C VAL A 544 6.46 -39.44 -9.52
N GLU A 545 6.01 -40.10 -10.58
CA GLU A 545 5.71 -41.53 -10.52
C GLU A 545 6.98 -42.39 -10.58
N TYR A 546 7.91 -42.02 -11.46
CA TYR A 546 9.08 -42.86 -11.72
C TYR A 546 10.40 -42.10 -11.58
N GLY A 547 10.34 -40.86 -11.13
CA GLY A 547 11.54 -40.05 -11.02
C GLY A 547 12.11 -39.64 -12.36
C1 GLC B . -0.38 9.56 4.29
C2 GLC B . -1.57 8.71 3.82
C3 GLC B . -1.35 7.96 2.53
C4 GLC B . -0.67 8.88 1.50
C5 GLC B . 0.59 9.47 2.09
C6 GLC B . 1.25 10.41 1.11
O1 GLC B . 0.55 8.75 4.96
O2 GLC B . -1.92 7.77 4.80
O3 GLC B . -2.60 7.51 2.07
O4 GLC B . -0.36 8.12 0.34
O5 GLC B . 0.28 10.22 3.24
O6 GLC B . 2.48 10.84 1.63
C1 GLC B . -1.28 8.22 -0.72
C2 GLC B . -1.56 6.81 -1.24
C3 GLC B . -0.27 6.19 -1.74
C4 GLC B . 0.33 7.12 -2.80
C5 GLC B . 0.50 8.54 -2.26
C6 GLC B . 1.00 9.49 -3.34
O2 GLC B . -2.07 6.01 -0.20
O3 GLC B . -0.52 4.91 -2.28
O4 GLC B . 1.55 6.60 -3.31
O5 GLC B . -0.74 9.02 -1.75
O6 GLC B . 1.35 10.74 -2.79
#